data_7QS9
#
_entry.id   7QS9
#
_cell.length_a   28.201
_cell.length_b   35.555
_cell.length_c   44.981
_cell.angle_alpha   75.597
_cell.angle_beta   85.870
_cell.angle_gamma   84.693
#
_symmetry.space_group_name_H-M   'P 1'
#
loop_
_entity.id
_entity.type
_entity.pdbx_description
1 polymer 'Protein scribble homolog'
2 polymer 'RNA-directed RNA polymerase NS5'
3 water water
#
loop_
_entity_poly.entity_id
_entity_poly.type
_entity_poly.pdbx_seq_one_letter_code
_entity_poly.pdbx_strand_id
1 'polypeptide(L)'
;GPLGSSAPSVKGVSFDQANNLLIEPARIEEEELTLTILRQTGGLGISIAGGKGSTPYKGDDEGIFISRVSEEGPAARAGV
RVGDKLLEVNGVALQGAEHHEAVEALRGAGTAVQMRVWRERM
;
A,B
2 'polypeptide(L)' EMYYSTAV C,E
#
# COMPACT_ATOMS: atom_id res chain seq x y z
N GLU A 29 -0.74 11.88 14.19
CA GLU A 29 -0.05 10.82 13.46
C GLU A 29 0.84 11.40 12.37
N GLU A 30 2.14 11.54 12.67
CA GLU A 30 3.12 12.00 11.71
C GLU A 30 4.31 11.06 11.75
N GLU A 31 4.72 10.57 10.59
CA GLU A 31 5.81 9.61 10.55
C GLU A 31 6.64 9.82 9.30
N GLU A 32 7.90 9.44 9.42
CA GLU A 32 8.80 9.41 8.30
C GLU A 32 9.20 7.99 8.00
N LEU A 33 9.09 7.63 6.74
CA LEU A 33 9.33 6.28 6.32
C LEU A 33 10.41 6.28 5.24
N THR A 34 11.20 5.21 5.24
CA THR A 34 12.15 4.93 4.18
C THR A 34 11.64 3.69 3.45
N LEU A 35 11.15 3.89 2.23
CA LEU A 35 10.57 2.82 1.42
C LEU A 35 11.48 2.55 0.24
N THR A 36 11.70 1.26 -0.04
CA THR A 36 12.57 0.84 -1.14
C THR A 36 11.72 0.18 -2.22
N ILE A 37 11.63 0.82 -3.37
CA ILE A 37 10.85 0.33 -4.49
C ILE A 37 11.78 -0.45 -5.40
N LEU A 38 11.42 -1.69 -5.71
CA LEU A 38 12.26 -2.58 -6.50
C LEU A 38 11.59 -2.82 -7.85
N ARG A 39 12.36 -2.65 -8.92
CA ARG A 39 11.88 -2.88 -10.27
C ARG A 39 13.00 -3.48 -11.09
N GLN A 40 12.62 -4.30 -12.07
CA GLN A 40 13.58 -4.78 -13.06
C GLN A 40 13.61 -3.87 -14.28
N THR A 41 12.44 -3.50 -14.77
CA THR A 41 12.29 -2.58 -15.89
C THR A 41 10.99 -1.82 -15.68
N GLY A 42 10.80 -0.78 -16.46
CA GLY A 42 9.54 -0.07 -16.43
C GLY A 42 9.43 0.92 -15.27
N GLY A 43 8.19 1.24 -14.93
CA GLY A 43 7.91 2.30 -13.99
C GLY A 43 7.84 1.83 -12.55
N LEU A 44 7.62 2.81 -11.68
CA LEU A 44 7.51 2.57 -10.25
C LEU A 44 6.09 2.34 -9.79
N GLY A 45 5.10 2.62 -10.63
CA GLY A 45 3.72 2.43 -10.22
C GLY A 45 3.17 3.54 -9.35
N ILE A 46 3.58 4.78 -9.60
CA ILE A 46 3.08 5.94 -8.87
C ILE A 46 2.91 7.10 -9.84
N SER A 47 2.12 8.08 -9.40
CA SER A 47 2.08 9.40 -10.00
C SER A 47 2.44 10.42 -8.93
N ILE A 48 3.22 11.42 -9.30
CA ILE A 48 3.58 12.50 -8.38
C ILE A 48 2.94 13.78 -8.87
N ALA A 49 2.55 14.62 -7.90
CA ALA A 49 1.95 15.91 -8.17
C ALA A 49 2.72 16.97 -7.39
N GLY A 50 2.60 18.21 -7.85
CA GLY A 50 3.18 19.32 -7.14
C GLY A 50 4.57 19.67 -7.63
N GLY A 51 5.27 20.43 -6.80
CA GLY A 51 6.59 20.92 -7.13
C GLY A 51 6.64 22.43 -7.19
N LYS A 52 7.83 22.99 -7.03
CA LYS A 52 7.99 24.43 -7.13
C LYS A 52 7.54 24.93 -8.50
N GLY A 53 6.65 25.91 -8.51
CA GLY A 53 6.18 26.53 -9.73
C GLY A 53 5.04 25.82 -10.42
N SER A 54 4.50 24.77 -9.83
CA SER A 54 3.35 24.04 -10.34
C SER A 54 2.18 24.19 -9.37
N THR A 55 1.01 23.75 -9.80
CA THR A 55 -0.15 23.71 -8.92
C THR A 55 0.13 22.72 -7.79
N PRO A 56 0.04 23.12 -6.53
CA PRO A 56 0.38 22.20 -5.43
C PRO A 56 -0.65 21.10 -5.26
N TYR A 57 -0.17 19.98 -4.69
CA TYR A 57 -1.07 18.90 -4.28
C TYR A 57 -1.98 19.34 -3.14
N LYS A 58 -1.49 20.24 -2.28
CA LYS A 58 -2.27 20.86 -1.22
C LYS A 58 -1.82 22.30 -1.07
N GLY A 59 -2.76 23.18 -0.70
CA GLY A 59 -2.49 24.60 -0.76
C GLY A 59 -1.36 25.05 0.14
N ASP A 60 -1.12 24.32 1.22
CA ASP A 60 -0.14 24.72 2.22
C ASP A 60 1.24 24.11 1.99
N ASP A 61 1.43 23.37 0.91
CA ASP A 61 2.73 22.74 0.63
C ASP A 61 2.92 22.61 -0.87
N GLU A 62 3.96 23.25 -1.39
CA GLU A 62 4.28 23.22 -2.81
C GLU A 62 5.07 21.99 -3.23
N GLY A 63 5.31 21.05 -2.32
CA GLY A 63 6.26 19.98 -2.56
C GLY A 63 5.70 18.86 -3.41
N ILE A 64 6.45 17.77 -3.46
CA ILE A 64 6.14 16.61 -4.28
C ILE A 64 5.36 15.61 -3.44
N PHE A 65 4.20 15.21 -3.95
CA PHE A 65 3.33 14.28 -3.26
C PHE A 65 2.95 13.13 -4.18
N ILE A 66 2.71 11.98 -3.59
CA ILE A 66 2.20 10.82 -4.32
C ILE A 66 0.70 11.04 -4.53
N SER A 67 0.29 11.22 -5.78
CA SER A 67 -1.12 11.43 -6.08
C SER A 67 -1.85 10.15 -6.44
N ARG A 68 -1.13 9.11 -6.87
CA ARG A 68 -1.75 7.85 -7.24
C ARG A 68 -0.74 6.73 -7.05
N VAL A 69 -1.23 5.58 -6.60
CA VAL A 69 -0.42 4.37 -6.48
C VAL A 69 -1.09 3.28 -7.31
N SER A 70 -0.31 2.67 -8.20
CA SER A 70 -0.84 1.65 -9.10
C SER A 70 -1.15 0.38 -8.32
N GLU A 71 -2.32 -0.20 -8.58
CA GLU A 71 -2.76 -1.37 -7.84
C GLU A 71 -1.69 -2.46 -7.84
N GLU A 72 -1.13 -2.75 -6.67
CA GLU A 72 -0.19 -3.85 -6.49
C GLU A 72 1.00 -3.74 -7.45
N GLY A 73 1.40 -2.51 -7.77
CA GLY A 73 2.61 -2.29 -8.53
C GLY A 73 3.82 -2.25 -7.62
N PRO A 74 4.99 -1.92 -8.18
CA PRO A 74 6.21 -1.89 -7.35
C PRO A 74 6.06 -1.03 -6.10
N ALA A 75 5.59 0.20 -6.25
CA ALA A 75 5.47 1.10 -5.11
C ALA A 75 4.46 0.57 -4.10
N ALA A 76 3.35 0.00 -4.59
CA ALA A 76 2.34 -0.56 -3.68
C ALA A 76 2.95 -1.66 -2.82
N ARG A 77 3.72 -2.56 -3.43
CA ARG A 77 4.35 -3.63 -2.66
C ARG A 77 5.40 -3.08 -1.70
N ALA A 78 6.02 -1.96 -2.05
CA ALA A 78 7.00 -1.33 -1.18
C ALA A 78 6.37 -0.53 -0.05
N GLY A 79 5.06 -0.41 -0.01
CA GLY A 79 4.38 0.29 1.06
C GLY A 79 4.12 1.77 0.85
N VAL A 80 4.18 2.27 -0.40
CA VAL A 80 3.86 3.66 -0.66
C VAL A 80 2.36 3.88 -0.53
N ARG A 81 1.97 5.11 -0.17
CA ARG A 81 0.59 5.43 0.12
C ARG A 81 0.24 6.80 -0.47
N VAL A 82 -0.95 6.88 -1.07
CA VAL A 82 -1.38 8.15 -1.64
C VAL A 82 -1.30 9.22 -0.58
N GLY A 83 -0.92 10.43 -0.99
CA GLY A 83 -0.76 11.53 -0.06
C GLY A 83 0.61 11.62 0.56
N ASP A 84 1.41 10.56 0.52
CA ASP A 84 2.78 10.63 0.98
C ASP A 84 3.48 11.82 0.34
N LYS A 85 4.22 12.57 1.16
CA LYS A 85 5.08 13.63 0.63
C LYS A 85 6.49 13.08 0.43
N LEU A 86 7.04 13.26 -0.77
CA LEU A 86 8.35 12.70 -1.11
C LEU A 86 9.42 13.69 -0.70
N LEU A 87 10.22 13.32 0.31
CA LEU A 87 11.29 14.17 0.80
C LEU A 87 12.60 13.93 0.05
N GLU A 88 12.95 12.67 -0.21
CA GLU A 88 14.21 12.37 -0.88
C GLU A 88 14.07 11.16 -1.78
N VAL A 89 14.90 11.12 -2.82
CA VAL A 89 15.00 9.98 -3.72
C VAL A 89 16.46 9.55 -3.71
N ASN A 90 16.73 8.36 -3.18
CA ASN A 90 18.08 7.83 -3.09
C ASN A 90 19.04 8.87 -2.51
N GLY A 91 18.60 9.53 -1.44
CA GLY A 91 19.44 10.45 -0.71
C GLY A 91 19.49 11.86 -1.26
N VAL A 92 18.77 12.14 -2.35
CA VAL A 92 18.76 13.47 -2.94
C VAL A 92 17.43 14.14 -2.58
N ALA A 93 17.51 15.22 -1.81
CA ALA A 93 16.31 15.89 -1.35
C ALA A 93 15.61 16.62 -2.48
N LEU A 94 14.28 16.69 -2.42
CA LEU A 94 13.49 17.35 -3.43
C LEU A 94 12.94 18.69 -2.95
N GLN A 95 13.38 19.17 -1.79
CA GLN A 95 13.02 20.51 -1.34
C GLN A 95 13.43 21.53 -2.40
N GLY A 96 12.46 22.31 -2.85
CA GLY A 96 12.69 23.31 -3.86
C GLY A 96 12.72 22.79 -5.28
N ALA A 97 12.52 21.49 -5.47
CA ALA A 97 12.53 20.90 -6.81
C ALA A 97 11.27 21.26 -7.57
N GLU A 98 11.46 21.61 -8.84
CA GLU A 98 10.33 21.73 -9.75
C GLU A 98 9.77 20.35 -10.09
N HIS A 99 8.54 20.35 -10.60
CA HIS A 99 7.86 19.09 -10.91
C HIS A 99 8.70 18.22 -11.85
N HIS A 100 9.23 18.81 -12.91
CA HIS A 100 10.01 18.03 -13.87
C HIS A 100 11.28 17.48 -13.24
N GLU A 101 11.85 18.20 -12.28
CA GLU A 101 13.09 17.74 -11.66
C GLU A 101 12.85 16.50 -10.82
N ALA A 102 11.72 16.45 -10.12
CA ALA A 102 11.35 15.25 -9.38
C ALA A 102 11.06 14.10 -10.32
N VAL A 103 10.40 14.37 -11.45
CA VAL A 103 10.11 13.33 -12.42
C VAL A 103 11.40 12.73 -12.95
N GLU A 104 12.35 13.58 -13.31
CA GLU A 104 13.63 13.10 -13.83
C GLU A 104 14.35 12.27 -12.77
N ALA A 105 14.27 12.69 -11.51
CA ALA A 105 14.94 11.96 -10.44
C ALA A 105 14.37 10.55 -10.30
N LEU A 106 13.05 10.43 -10.34
CA LEU A 106 12.42 9.12 -10.17
C LEU A 106 12.65 8.23 -11.39
N ARG A 107 12.63 8.82 -12.59
CA ARG A 107 12.85 8.02 -13.79
C ARG A 107 14.27 7.50 -13.86
N GLY A 108 15.24 8.27 -13.37
CA GLY A 108 16.62 7.86 -13.48
C GLY A 108 17.19 7.35 -12.17
N ALA A 109 16.29 6.99 -11.24
CA ALA A 109 16.68 6.54 -9.91
C ALA A 109 17.17 5.10 -9.88
N GLY A 110 17.02 4.35 -10.97
CA GLY A 110 17.57 3.02 -11.04
C GLY A 110 16.54 1.95 -10.73
N THR A 111 17.06 0.74 -10.53
CA THR A 111 16.21 -0.42 -10.29
C THR A 111 15.81 -0.55 -8.82
N ALA A 112 16.61 0.01 -7.92
CA ALA A 112 16.29 0.07 -6.49
C ALA A 112 16.19 1.54 -6.11
N VAL A 113 14.97 2.01 -5.82
CA VAL A 113 14.71 3.42 -5.57
C VAL A 113 14.23 3.56 -4.13
N GLN A 114 15.08 4.13 -3.29
CA GLN A 114 14.74 4.33 -1.88
C GLN A 114 14.21 5.75 -1.71
N MET A 115 13.01 5.86 -1.14
CA MET A 115 12.34 7.15 -0.98
C MET A 115 12.12 7.42 0.50
N ARG A 116 12.60 8.57 0.97
CA ARG A 116 12.24 9.10 2.28
C ARG A 116 10.96 9.89 2.11
N VAL A 117 9.89 9.47 2.78
CA VAL A 117 8.59 10.10 2.62
C VAL A 117 8.06 10.53 3.97
N TRP A 118 7.12 11.46 3.92
CA TRP A 118 6.43 12.01 5.08
C TRP A 118 4.98 11.63 4.98
N ARG A 119 4.46 10.96 6.02
CA ARG A 119 3.10 10.46 6.03
C ARG A 119 2.37 11.00 7.25
N GLU A 120 1.13 11.45 7.03
CA GLU A 120 0.30 11.95 8.11
C GLU A 120 -0.88 11.00 8.34
N GLU B 29 -3.94 -14.83 -14.24
CA GLU B 29 -2.84 -15.13 -13.33
C GLU B 29 -2.76 -14.10 -12.20
N GLU B 30 -3.28 -12.90 -12.45
CA GLU B 30 -3.42 -11.86 -11.45
C GLU B 30 -4.85 -11.36 -11.47
N GLU B 31 -5.50 -11.35 -10.31
CA GLU B 31 -6.90 -10.96 -10.23
C GLU B 31 -7.15 -10.21 -8.94
N GLU B 32 -8.10 -9.29 -9.01
CA GLU B 32 -8.61 -8.58 -7.85
C GLU B 32 -10.06 -8.99 -7.67
N LEU B 33 -10.39 -9.47 -6.48
CA LEU B 33 -11.73 -9.95 -6.18
C LEU B 33 -12.32 -9.18 -5.01
N THR B 34 -13.65 -9.13 -4.97
CA THR B 34 -14.39 -8.60 -3.82
C THR B 34 -15.19 -9.76 -3.23
N LEU B 35 -14.82 -10.16 -2.01
CA LEU B 35 -15.48 -11.26 -1.33
C LEU B 35 -16.39 -10.72 -0.24
N THR B 36 -17.53 -11.35 -0.05
CA THR B 36 -18.47 -10.99 1.02
C THR B 36 -18.49 -12.12 2.05
N ILE B 37 -17.94 -11.86 3.23
CA ILE B 37 -17.85 -12.86 4.30
C ILE B 37 -18.95 -12.56 5.30
N LEU B 38 -19.80 -13.55 5.57
CA LEU B 38 -20.88 -13.41 6.54
C LEU B 38 -20.44 -14.07 7.84
N ARG B 39 -20.22 -13.27 8.87
CA ARG B 39 -19.56 -13.76 10.07
C ARG B 39 -20.45 -14.74 10.84
N GLN B 40 -19.81 -15.72 11.47
CA GLN B 40 -20.48 -16.68 12.33
C GLN B 40 -19.96 -16.54 13.76
N GLY B 43 -14.96 -16.66 14.26
CA GLY B 43 -15.32 -15.39 13.68
C GLY B 43 -15.47 -15.46 12.17
N LEU B 44 -14.50 -14.90 11.45
CA LEU B 44 -14.54 -14.88 9.99
C LEU B 44 -13.90 -16.11 9.37
N GLY B 45 -13.15 -16.90 10.15
CA GLY B 45 -12.53 -18.09 9.62
C GLY B 45 -11.28 -17.85 8.81
N ILE B 46 -10.47 -16.87 9.20
CA ILE B 46 -9.19 -16.61 8.56
C ILE B 46 -8.19 -16.16 9.62
N SER B 47 -6.91 -16.26 9.26
CA SER B 47 -5.83 -15.61 9.98
C SER B 47 -5.15 -14.65 9.02
N ILE B 48 -4.76 -13.48 9.51
CA ILE B 48 -4.05 -12.50 8.70
C ILE B 48 -2.63 -12.37 9.25
N ALA B 49 -1.68 -12.17 8.34
CA ALA B 49 -0.28 -11.99 8.67
C ALA B 49 0.24 -10.74 7.97
N GLY B 50 1.33 -10.21 8.51
CA GLY B 50 2.00 -9.07 7.95
C GLY B 50 1.57 -7.76 8.57
N GLY B 51 1.88 -6.67 7.86
CA GLY B 51 1.56 -5.34 8.32
C GLY B 51 2.81 -4.47 8.46
N LYS B 52 2.64 -3.15 8.41
CA LYS B 52 3.78 -2.25 8.52
C LYS B 52 4.48 -2.43 9.86
N GLY B 53 5.80 -2.55 9.81
CA GLY B 53 6.58 -2.74 11.02
C GLY B 53 6.54 -4.14 11.59
N SER B 54 5.97 -5.09 10.86
CA SER B 54 5.88 -6.49 11.27
C SER B 54 6.73 -7.35 10.35
N THR B 55 6.89 -8.61 10.74
CA THR B 55 7.59 -9.57 9.87
C THR B 55 6.74 -9.81 8.63
N PRO B 56 7.25 -9.57 7.42
CA PRO B 56 6.40 -9.72 6.23
C PRO B 56 5.94 -11.15 6.03
N TYR B 57 4.76 -11.30 5.43
CA TYR B 57 4.25 -12.62 5.08
C TYR B 57 5.08 -13.24 3.95
N LYS B 58 5.51 -12.42 3.00
CA LYS B 58 6.35 -12.91 1.92
C LYS B 58 7.25 -11.78 1.43
N GLY B 59 8.42 -12.16 0.94
CA GLY B 59 9.35 -11.21 0.37
C GLY B 59 9.56 -10.02 1.28
N ASP B 60 9.65 -8.84 0.66
CA ASP B 60 9.78 -7.58 1.39
C ASP B 60 8.45 -6.85 1.53
N ASP B 61 7.35 -7.44 1.06
CA ASP B 61 6.04 -6.80 1.12
C ASP B 61 5.49 -6.89 2.54
N GLU B 62 5.34 -5.73 3.18
CA GLU B 62 4.83 -5.64 4.54
C GLU B 62 3.30 -5.57 4.60
N GLY B 63 2.61 -5.88 3.51
CA GLY B 63 1.17 -5.80 3.47
C GLY B 63 0.49 -6.88 4.31
N ILE B 64 -0.84 -6.86 4.24
CA ILE B 64 -1.70 -7.78 4.98
C ILE B 64 -2.06 -8.93 4.06
N PHE B 65 -1.86 -10.16 4.54
CA PHE B 65 -2.14 -11.35 3.75
C PHE B 65 -2.96 -12.33 4.56
N ILE B 66 -3.77 -13.12 3.86
CA ILE B 66 -4.46 -14.25 4.46
C ILE B 66 -3.44 -15.38 4.63
N SER B 67 -3.11 -15.69 5.90
CA SER B 67 -2.18 -16.77 6.18
C SER B 67 -2.86 -18.12 6.38
N ARG B 68 -4.15 -18.12 6.74
CA ARG B 68 -4.85 -19.37 7.00
C ARG B 68 -6.33 -19.14 6.73
N VAL B 69 -6.96 -20.15 6.14
CA VAL B 69 -8.38 -20.15 5.85
C VAL B 69 -8.99 -21.37 6.53
N SER B 70 -9.95 -21.15 7.43
CA SER B 70 -10.55 -22.23 8.18
C SER B 70 -11.42 -23.09 7.27
N GLU B 71 -11.18 -24.37 7.32
CA GLU B 71 -11.93 -25.30 6.51
C GLU B 71 -13.43 -25.08 6.61
N GLU B 72 -14.05 -24.78 5.46
CA GLU B 72 -15.49 -24.57 5.37
C GLU B 72 -15.98 -23.65 6.49
N GLY B 73 -15.15 -22.65 6.81
CA GLY B 73 -15.59 -21.55 7.64
C GLY B 73 -16.19 -20.47 6.77
N PRO B 74 -16.64 -19.37 7.38
CA PRO B 74 -17.29 -18.31 6.58
C PRO B 74 -16.45 -17.83 5.40
N ALA B 75 -15.17 -17.52 5.64
CA ALA B 75 -14.33 -16.99 4.56
C ALA B 75 -14.14 -18.02 3.46
N ALA B 76 -14.03 -19.30 3.83
CA ALA B 76 -13.91 -20.36 2.83
C ALA B 76 -15.12 -20.37 1.91
N ARG B 77 -16.33 -20.33 2.48
CA ARG B 77 -17.54 -20.33 1.66
C ARG B 77 -17.63 -19.08 0.80
N ALA B 78 -17.12 -17.95 1.28
CA ALA B 78 -17.12 -16.72 0.51
C ALA B 78 -16.10 -16.74 -0.62
N GLY B 79 -15.20 -17.72 -0.64
CA GLY B 79 -14.23 -17.85 -1.69
C GLY B 79 -12.87 -17.25 -1.39
N VAL B 80 -12.54 -17.01 -0.13
CA VAL B 80 -11.21 -16.55 0.21
C VAL B 80 -10.22 -17.70 0.09
N ARG B 81 -8.97 -17.37 -0.23
CA ARG B 81 -7.94 -18.36 -0.50
C ARG B 81 -6.65 -17.91 0.16
N VAL B 82 -5.95 -18.87 0.78
CA VAL B 82 -4.69 -18.57 1.44
C VAL B 82 -3.77 -17.87 0.45
N GLY B 83 -2.99 -16.92 0.95
CA GLY B 83 -2.14 -16.13 0.11
C GLY B 83 -2.76 -14.88 -0.43
N ASP B 84 -4.08 -14.73 -0.33
CA ASP B 84 -4.73 -13.50 -0.78
C ASP B 84 -4.15 -12.31 -0.01
N LYS B 85 -3.83 -11.23 -0.72
CA LYS B 85 -3.44 -9.97 -0.12
C LYS B 85 -4.68 -9.13 0.11
N LEU B 86 -4.88 -8.69 1.35
CA LEU B 86 -6.06 -7.93 1.74
C LEU B 86 -5.86 -6.46 1.40
N LEU B 87 -6.59 -5.98 0.39
CA LEU B 87 -6.42 -4.60 -0.06
C LEU B 87 -7.36 -3.63 0.64
N GLU B 88 -8.63 -4.02 0.84
CA GLU B 88 -9.57 -3.17 1.54
C GLU B 88 -10.49 -4.01 2.40
N VAL B 89 -10.98 -3.39 3.49
CA VAL B 89 -11.97 -4.00 4.37
C VAL B 89 -13.12 -3.02 4.51
N ASN B 90 -14.31 -3.41 4.03
CA ASN B 90 -15.49 -2.56 4.04
C ASN B 90 -15.16 -1.17 3.48
N GLY B 91 -14.43 -1.17 2.37
CA GLY B 91 -14.12 0.06 1.65
C GLY B 91 -12.96 0.86 2.20
N VAL B 92 -12.35 0.43 3.30
CA VAL B 92 -11.23 1.13 3.91
C VAL B 92 -9.95 0.38 3.54
N ALA B 93 -9.05 1.07 2.84
CA ALA B 93 -7.83 0.42 2.37
C ALA B 93 -6.86 0.19 3.52
N LEU B 94 -6.06 -0.86 3.39
CA LEU B 94 -5.11 -1.23 4.43
C LEU B 94 -3.67 -0.90 4.04
N GLN B 95 -3.45 -0.23 2.91
CA GLN B 95 -2.12 0.23 2.56
C GLN B 95 -1.52 1.03 3.70
N GLY B 96 -0.38 0.57 4.21
CA GLY B 96 0.27 1.20 5.35
C GLY B 96 -0.27 0.81 6.70
N ALA B 97 -1.24 -0.09 6.76
CA ALA B 97 -1.84 -0.45 8.04
C ALA B 97 -0.89 -1.30 8.87
N GLU B 98 -0.81 -0.98 10.16
CA GLU B 98 -0.14 -1.86 11.11
C GLU B 98 -0.96 -3.13 11.31
N HIS B 99 -0.29 -4.17 11.80
CA HIS B 99 -0.96 -5.46 11.98
C HIS B 99 -2.20 -5.32 12.86
N HIS B 100 -2.06 -4.63 13.99
CA HIS B 100 -3.19 -4.48 14.91
C HIS B 100 -4.34 -3.71 14.26
N GLU B 101 -4.03 -2.77 13.37
CA GLU B 101 -5.10 -1.97 12.76
C GLU B 101 -5.97 -2.83 11.85
N ALA B 102 -5.35 -3.69 11.05
CA ALA B 102 -6.11 -4.62 10.22
C ALA B 102 -6.91 -5.59 11.06
N VAL B 103 -6.30 -6.10 12.14
CA VAL B 103 -7.02 -6.99 13.03
C VAL B 103 -8.27 -6.29 13.57
N GLU B 104 -8.11 -5.06 14.06
CA GLU B 104 -9.25 -4.29 14.56
C GLU B 104 -10.28 -4.06 13.46
N ALA B 105 -9.83 -3.75 12.25
CA ALA B 105 -10.77 -3.51 11.16
C ALA B 105 -11.64 -4.73 10.91
N LEU B 106 -11.03 -5.93 10.94
CA LEU B 106 -11.77 -7.16 10.69
C LEU B 106 -12.69 -7.50 11.86
N ARG B 107 -12.22 -7.30 13.09
CA ARG B 107 -13.07 -7.60 14.24
C ARG B 107 -14.24 -6.64 14.34
N GLY B 108 -14.08 -5.40 13.84
CA GLY B 108 -15.13 -4.41 13.91
C GLY B 108 -15.84 -4.19 12.60
N ALA B 109 -15.67 -5.11 11.65
CA ALA B 109 -16.23 -4.95 10.32
C ALA B 109 -17.72 -5.26 10.26
N GLY B 110 -18.30 -5.80 11.32
CA GLY B 110 -19.72 -6.07 11.34
C GLY B 110 -20.05 -7.49 10.91
N THR B 111 -21.34 -7.69 10.60
CA THR B 111 -21.85 -9.00 10.24
C THR B 111 -21.48 -9.38 8.80
N ALA B 112 -21.47 -8.41 7.89
CA ALA B 112 -21.10 -8.64 6.50
C ALA B 112 -19.81 -7.87 6.22
N VAL B 113 -18.74 -8.60 5.92
CA VAL B 113 -17.43 -8.01 5.74
C VAL B 113 -17.06 -8.15 4.27
N GLN B 114 -16.95 -7.01 3.58
CA GLN B 114 -16.55 -6.99 2.19
C GLN B 114 -15.03 -6.82 2.12
N MET B 115 -14.35 -7.84 1.59
CA MET B 115 -12.89 -7.83 1.47
C MET B 115 -12.52 -7.73 -0.01
N ARG B 116 -11.74 -6.70 -0.36
CA ARG B 116 -11.09 -6.64 -1.67
C ARG B 116 -9.71 -7.24 -1.52
N VAL B 117 -9.42 -8.29 -2.27
CA VAL B 117 -8.14 -8.98 -2.17
C VAL B 117 -7.49 -9.07 -3.54
N TRP B 118 -6.18 -9.30 -3.52
CA TRP B 118 -5.33 -9.46 -4.70
C TRP B 118 -4.84 -10.91 -4.71
N ARG B 119 -5.11 -11.62 -5.81
CA ARG B 119 -4.83 -13.04 -5.89
C ARG B 119 -3.94 -13.33 -7.09
N GLU B 120 -2.91 -14.13 -6.87
CA GLU B 120 -2.01 -14.53 -7.95
C GLU B 120 -2.22 -15.99 -8.30
N TYR C 4 -0.65 19.20 -11.36
CA TYR C 4 -0.89 18.10 -12.26
C TYR C 4 -0.04 16.90 -11.87
N SER C 5 -0.38 15.74 -12.42
CA SER C 5 0.30 14.50 -12.09
C SER C 5 1.14 14.00 -13.26
N THR C 6 2.23 13.32 -12.92
CA THR C 6 3.06 12.60 -13.89
C THR C 6 3.22 11.17 -13.40
N ALA C 7 2.84 10.21 -14.24
CA ALA C 7 3.01 8.80 -13.89
C ALA C 7 4.46 8.38 -14.12
N VAL C 8 5.08 7.80 -13.11
CA VAL C 8 6.47 7.36 -13.25
C VAL C 8 6.63 5.92 -12.75
N TYR D 4 3.89 -12.49 11.84
CA TYR D 4 3.09 -13.37 12.69
C TYR D 4 1.63 -13.30 12.26
N SER D 5 0.83 -14.28 12.69
CA SER D 5 -0.57 -14.38 12.30
C SER D 5 -1.48 -14.08 13.48
N THR D 6 -2.66 -13.57 13.17
CA THR D 6 -3.74 -13.40 14.13
C THR D 6 -5.02 -13.97 13.53
N ALA D 7 -5.68 -14.86 14.27
CA ALA D 7 -6.94 -15.45 13.80
C ALA D 7 -8.08 -14.49 14.06
N VAL D 8 -8.90 -14.26 13.03
CA VAL D 8 -10.07 -13.38 13.16
C VAL D 8 -11.32 -14.09 12.65
#